data_1JPS
#
_entry.id   1JPS
#
_cell.length_a   84.25
_cell.length_b   93.28
_cell.length_c   110.01
_cell.angle_alpha   90.00
_cell.angle_beta   90.00
_cell.angle_gamma   90.00
#
_symmetry.space_group_name_H-M   'P 21 21 21'
#
loop_
_entity.id
_entity.type
_entity.pdbx_description
1 polymer 'immunoglobulin Fab D3H44, light chain'
2 polymer 'immunoglobulin Fab D3H44, heavy chain'
3 polymer 'tissue factor'
4 water water
#
loop_
_entity_poly.entity_id
_entity_poly.type
_entity_poly.pdbx_seq_one_letter_code
_entity_poly.pdbx_strand_id
1 'polypeptide(L)'
;DIQMTQSPSSLSASVGDRVTITCRASRDIKSYLNWYQQKPGKAPKVLIYYATSLAEGVPSRFSGSGSGTDYTLTISSLQP
EDFATYYCLQHGESPWTFGQGTKVEIKRTVAAPSVFIFPPSDEQLKSGTASVVCLLNNFYPREAKVQWKVDNALQSGNSQ
ESVTEQDSKDSTYSLSSTLTLSKADYEKHKVYACEVTHQGLSSPVTKSFNRGEC
;
L
2 'polypeptide(L)'
;EVQLVESGGGLVQPGGSLRLSCAASGFNIKEYYMHWVRQAPGKGLEWVGLIDPEQGNTIYDPKFQDRATISADNSKNTAY
LQMNSLRAEDTAVYYCARDTAAYFDYWGQGTLVTVSSASTKGPSVFPLAPSSKSTSGGTAALGCLVKDYFPEPVTVSWNS
GALTSGVHTFPAVLQSSGLYSLSSVVTVPSSSLGTQTYICNVNHKPSNTKVDKKVEPKSCDKTHT
;
H
3 'polypeptide(L)'
;SGTTNTVAAYNLTWKSTNFKTILEWEPKPVNQVYTVQISTKSGDWKSKCFYTTDTECDLTDEIVKDVKQTYLARVFSYPA
GNVESTGSAGEPLYENSPEFTPYLETNLGQPTIQSFEQVGTKVNVTVEDERTLVRRNNTFLSLRDVFGKDLIYTLYYWKS
SSSGKKTAKTNTNEFLIDVDKGENYCFSVQAVIPSRTVNRKSTDSPVECMGQEKGEFRE
;
T
#
# COMPACT_ATOMS: atom_id res chain seq x y z
N ASP A 1 -14.22 -10.66 17.70
CA ASP A 1 -13.29 -9.54 17.34
C ASP A 1 -13.97 -8.19 17.59
N ILE A 2 -13.35 -7.11 17.15
CA ILE A 2 -13.93 -5.79 17.37
C ILE A 2 -14.56 -5.33 16.06
N GLN A 3 -15.88 -5.21 16.01
CA GLN A 3 -16.53 -4.78 14.78
C GLN A 3 -16.41 -3.25 14.62
N MET A 4 -16.08 -2.81 13.40
CA MET A 4 -15.95 -1.39 13.07
C MET A 4 -17.11 -1.02 12.16
N THR A 5 -17.89 -0.01 12.54
CA THR A 5 -19.02 0.38 11.72
C THR A 5 -18.76 1.78 11.19
N GLN A 6 -18.63 1.86 9.87
CA GLN A 6 -18.31 3.11 9.22
C GLN A 6 -19.53 3.74 8.57
N SER A 7 -19.73 5.03 8.83
CA SER A 7 -20.89 5.77 8.32
C SER A 7 -20.51 7.12 7.69
N PRO A 8 -21.11 7.48 6.53
CA PRO A 8 -22.10 6.74 5.73
C PRO A 8 -21.37 5.80 4.78
N SER A 9 -22.10 4.99 4.01
CA SER A 9 -21.44 4.10 3.03
C SER A 9 -20.97 4.91 1.81
N SER A 10 -21.63 6.03 1.56
CA SER A 10 -21.25 6.88 0.43
C SER A 10 -21.83 8.27 0.68
N LEU A 11 -21.23 9.27 0.04
CA LEU A 11 -21.74 10.62 0.16
C LEU A 11 -21.38 11.38 -1.10
N SER A 12 -22.09 12.47 -1.34
CA SER A 12 -21.85 13.29 -2.52
C SER A 12 -21.69 14.71 -1.99
N ALA A 13 -20.60 15.37 -2.35
CA ALA A 13 -20.35 16.72 -1.85
C ALA A 13 -19.70 17.55 -2.95
N SER A 14 -19.89 18.87 -2.89
CA SER A 14 -19.30 19.75 -3.89
C SER A 14 -17.87 20.14 -3.49
N VAL A 15 -17.09 20.57 -4.47
CA VAL A 15 -15.74 21.03 -4.22
C VAL A 15 -15.90 22.17 -3.21
N GLY A 16 -15.06 22.18 -2.19
CA GLY A 16 -15.18 23.24 -1.19
C GLY A 16 -16.06 22.91 0.00
N ASP A 17 -16.82 21.81 -0.05
CA ASP A 17 -17.67 21.45 1.08
C ASP A 17 -16.83 20.77 2.17
N ARG A 18 -17.31 20.83 3.40
CA ARG A 18 -16.68 20.19 4.53
C ARG A 18 -17.27 18.78 4.48
N VAL A 19 -16.48 17.75 4.76
CA VAL A 19 -17.00 16.37 4.72
C VAL A 19 -16.58 15.66 6.01
N THR A 20 -17.51 14.88 6.57
CA THR A 20 -17.28 14.14 7.80
C THR A 20 -17.62 12.68 7.62
N ILE A 21 -16.72 11.81 8.04
CA ILE A 21 -16.91 10.35 7.94
C ILE A 21 -16.64 9.79 9.34
N THR A 22 -17.49 8.87 9.81
CA THR A 22 -17.29 8.36 11.16
C THR A 22 -17.14 6.85 11.19
N CYS A 23 -16.54 6.38 12.27
CA CYS A 23 -16.28 4.97 12.47
C CYS A 23 -16.50 4.72 13.98
N ARG A 24 -17.30 3.71 14.31
CA ARG A 24 -17.56 3.35 15.71
C ARG A 24 -17.15 1.89 15.93
N ALA A 25 -16.38 1.64 16.98
CA ALA A 25 -15.94 0.28 17.29
C ALA A 25 -16.90 -0.32 18.31
N SER A 26 -17.01 -1.64 18.31
CA SER A 26 -17.90 -2.30 19.25
C SER A 26 -17.43 -2.16 20.69
N ARG A 27 -16.13 -1.89 20.88
CA ARG A 27 -15.56 -1.65 22.20
C ARG A 27 -14.34 -0.74 22.08
N ASP A 28 -13.87 -0.22 23.21
CA ASP A 28 -12.72 0.69 23.25
C ASP A 28 -11.51 0.18 22.46
N ILE A 29 -11.02 0.97 21.50
CA ILE A 29 -9.86 0.56 20.71
C ILE A 29 -8.61 1.38 21.01
N LYS A 30 -8.70 2.19 22.04
CA LYS A 30 -7.54 2.94 22.51
C LYS A 30 -6.76 3.74 21.48
N SER A 31 -7.50 4.40 20.58
CA SER A 31 -6.92 5.23 19.55
C SER A 31 -6.05 4.55 18.50
N TYR A 32 -6.00 3.20 18.47
CA TYR A 32 -5.20 2.52 17.42
C TYR A 32 -6.16 2.38 16.25
N LEU A 33 -6.47 3.53 15.63
CA LEU A 33 -7.42 3.63 14.55
C LEU A 33 -6.84 4.53 13.49
N ASN A 34 -6.65 3.99 12.28
CA ASN A 34 -6.05 4.73 11.18
C ASN A 34 -7.06 4.98 10.07
N TRP A 35 -6.81 6.01 9.23
CA TRP A 35 -7.67 6.27 8.09
C TRP A 35 -6.81 6.13 6.84
N TYR A 36 -7.33 5.40 5.85
CA TYR A 36 -6.64 5.18 4.57
C TYR A 36 -7.55 5.65 3.46
N GLN A 37 -6.94 6.18 2.39
CA GLN A 37 -7.65 6.67 1.22
C GLN A 37 -7.32 5.75 0.04
N GLN A 38 -8.31 5.32 -0.72
CA GLN A 38 -8.00 4.45 -1.87
C GLN A 38 -8.64 4.95 -3.14
N LYS A 39 -7.81 5.25 -4.14
CA LYS A 39 -8.30 5.72 -5.42
C LYS A 39 -8.45 4.54 -6.37
N PRO A 40 -9.23 4.71 -7.47
CA PRO A 40 -9.47 3.66 -8.45
C PRO A 40 -8.24 2.95 -8.98
N GLY A 41 -8.17 1.66 -8.73
CA GLY A 41 -7.06 0.85 -9.21
C GLY A 41 -5.72 1.01 -8.52
N LYS A 42 -5.72 1.60 -7.33
CA LYS A 42 -4.47 1.79 -6.61
C LYS A 42 -4.58 1.19 -5.23
N ALA A 43 -3.44 0.97 -4.60
CA ALA A 43 -3.43 0.46 -3.23
C ALA A 43 -3.86 1.63 -2.33
N PRO A 44 -4.34 1.32 -1.10
CA PRO A 44 -4.76 2.37 -0.14
C PRO A 44 -3.52 3.16 0.28
N LYS A 45 -3.73 4.40 0.75
CA LYS A 45 -2.66 5.28 1.18
C LYS A 45 -3.03 5.86 2.55
N VAL A 46 -2.10 5.82 3.50
CA VAL A 46 -2.39 6.36 4.84
C VAL A 46 -2.65 7.88 4.85
N LEU A 47 -3.63 8.30 5.64
CA LEU A 47 -3.92 9.73 5.77
C LEU A 47 -3.67 10.11 7.22
N ILE A 48 -4.30 9.36 8.12
CA ILE A 48 -4.26 9.60 9.58
C ILE A 48 -3.85 8.34 10.33
N TYR A 49 -2.99 8.47 11.34
CA TYR A 49 -2.65 7.31 12.17
C TYR A 49 -2.83 7.65 13.64
N TYR A 50 -2.94 6.62 14.48
CA TYR A 50 -3.18 6.79 15.90
C TYR A 50 -4.32 7.79 16.18
N ALA A 51 -5.40 7.68 15.41
CA ALA A 51 -6.62 8.50 15.53
C ALA A 51 -6.53 9.97 15.11
N THR A 52 -5.45 10.65 15.50
CA THR A 52 -5.33 12.08 15.22
C THR A 52 -4.05 12.60 14.53
N SER A 53 -3.09 11.72 14.26
CA SER A 53 -1.86 12.18 13.64
C SER A 53 -1.88 12.19 12.12
N LEU A 54 -1.53 13.32 11.52
CA LEU A 54 -1.50 13.42 10.06
C LEU A 54 -0.18 12.82 9.54
N ALA A 55 -0.26 11.88 8.60
CA ALA A 55 0.96 11.28 8.06
C ALA A 55 1.74 12.30 7.25
N GLU A 56 3.05 12.09 7.17
CA GLU A 56 3.90 12.98 6.41
C GLU A 56 3.44 13.19 4.98
N GLY A 57 3.44 14.45 4.55
CA GLY A 57 3.03 14.78 3.20
C GLY A 57 1.53 14.86 2.96
N VAL A 58 0.70 14.48 3.93
CA VAL A 58 -0.74 14.53 3.68
C VAL A 58 -1.24 15.97 3.88
N PRO A 59 -2.07 16.50 2.95
CA PRO A 59 -2.62 17.86 3.01
C PRO A 59 -3.31 18.12 4.35
N SER A 60 -3.17 19.34 4.86
CA SER A 60 -3.75 19.70 6.14
C SER A 60 -5.27 19.68 6.20
N ARG A 61 -5.94 19.64 5.05
CA ARG A 61 -7.40 19.62 5.05
C ARG A 61 -7.96 18.33 5.64
N PHE A 62 -7.11 17.31 5.77
CA PHE A 62 -7.54 16.03 6.35
C PHE A 62 -7.19 16.03 7.82
N SER A 63 -8.12 15.60 8.67
CA SER A 63 -7.83 15.53 10.10
C SER A 63 -8.61 14.40 10.74
N GLY A 64 -8.08 13.88 11.83
CA GLY A 64 -8.78 12.84 12.55
C GLY A 64 -9.04 13.25 13.98
N SER A 65 -10.14 12.79 14.55
CA SER A 65 -10.43 13.05 15.97
C SER A 65 -11.10 11.84 16.55
N GLY A 66 -11.21 11.83 17.87
CA GLY A 66 -11.89 10.71 18.52
C GLY A 66 -11.04 9.96 19.50
N SER A 67 -11.69 9.09 20.27
CA SER A 67 -11.02 8.28 21.27
C SER A 67 -12.07 7.28 21.69
N GLY A 68 -11.66 6.27 22.45
CA GLY A 68 -12.61 5.27 22.91
C GLY A 68 -13.16 4.44 21.76
N THR A 69 -14.46 4.56 21.51
CA THR A 69 -15.10 3.79 20.43
C THR A 69 -15.45 4.65 19.22
N ASP A 70 -15.48 5.97 19.39
CA ASP A 70 -15.91 6.87 18.32
C ASP A 70 -14.83 7.72 17.65
N TYR A 71 -14.74 7.61 16.32
CA TYR A 71 -13.72 8.33 15.55
C TYR A 71 -14.29 9.04 14.31
N THR A 72 -13.67 10.15 13.94
CA THR A 72 -14.14 10.89 12.80
C THR A 72 -12.99 11.37 11.91
N LEU A 73 -13.18 11.25 10.60
CA LEU A 73 -12.21 11.78 9.62
C LEU A 73 -12.93 12.99 9.03
N THR A 74 -12.26 14.12 8.98
CA THR A 74 -12.84 15.32 8.41
C THR A 74 -12.00 15.81 7.24
N ILE A 75 -12.67 16.29 6.19
CA ILE A 75 -11.95 16.93 5.08
C ILE A 75 -12.57 18.34 5.14
N SER A 76 -11.77 19.33 5.53
CA SER A 76 -12.31 20.68 5.72
C SER A 76 -12.85 21.37 4.46
N SER A 77 -12.20 21.14 3.32
CA SER A 77 -12.57 21.74 2.04
C SER A 77 -12.25 20.75 0.93
N LEU A 78 -13.28 20.03 0.50
CA LEU A 78 -13.16 18.97 -0.51
C LEU A 78 -12.58 19.44 -1.84
N GLN A 79 -11.58 18.71 -2.34
CA GLN A 79 -10.96 19.02 -3.63
C GLN A 79 -11.29 17.88 -4.59
N PRO A 80 -11.28 18.15 -5.91
CA PRO A 80 -11.60 17.14 -6.92
C PRO A 80 -10.79 15.87 -6.75
N GLU A 81 -9.50 16.03 -6.44
CA GLU A 81 -8.64 14.87 -6.31
C GLU A 81 -8.96 14.03 -5.09
N ASP A 82 -9.90 14.48 -4.25
CA ASP A 82 -10.25 13.70 -3.05
C ASP A 82 -11.28 12.62 -3.36
N PHE A 83 -11.70 12.54 -4.61
CA PHE A 83 -12.65 11.48 -4.99
C PHE A 83 -11.89 10.16 -4.64
N ALA A 84 -12.53 9.33 -3.83
CA ALA A 84 -11.91 8.09 -3.37
C ALA A 84 -12.82 7.35 -2.42
N THR A 85 -12.38 6.16 -2.01
CA THR A 85 -13.09 5.41 -1.00
C THR A 85 -12.18 5.48 0.21
N TYR A 86 -12.75 5.84 1.36
CA TYR A 86 -12.00 5.98 2.57
C TYR A 86 -12.33 4.85 3.55
N TYR A 87 -11.31 4.34 4.23
CA TYR A 87 -11.46 3.21 5.18
C TYR A 87 -10.81 3.46 6.53
N CYS A 88 -11.49 3.09 7.63
CA CYS A 88 -10.84 3.17 8.92
C CYS A 88 -10.31 1.75 9.20
N LEU A 89 -9.26 1.67 10.02
CA LEU A 89 -8.67 0.40 10.43
C LEU A 89 -8.31 0.38 11.93
N GLN A 90 -8.80 -0.63 12.64
CA GLN A 90 -8.54 -0.87 14.06
C GLN A 90 -7.33 -1.82 14.04
N HIS A 91 -6.24 -1.46 14.73
CA HIS A 91 -5.02 -2.27 14.73
C HIS A 91 -4.33 -2.40 16.09
N GLY A 92 -5.07 -2.09 17.16
CA GLY A 92 -4.49 -2.20 18.49
C GLY A 92 -4.43 -3.64 18.97
N GLU A 93 -5.24 -4.51 18.36
CA GLU A 93 -5.24 -5.94 18.72
C GLU A 93 -5.75 -6.79 17.56
N SER A 94 -5.32 -8.04 17.48
CA SER A 94 -5.75 -8.92 16.40
C SER A 94 -7.10 -9.57 16.75
N PRO A 95 -7.96 -9.83 15.74
CA PRO A 95 -7.69 -9.52 14.34
C PRO A 95 -7.87 -8.01 14.05
N TRP A 96 -7.07 -7.50 13.13
CA TRP A 96 -7.16 -6.10 12.71
C TRP A 96 -8.48 -6.04 11.94
N THR A 97 -9.22 -4.94 12.03
CA THR A 97 -10.52 -4.87 11.37
C THR A 97 -10.74 -3.56 10.62
N PHE A 98 -11.10 -3.66 9.34
CA PHE A 98 -11.37 -2.47 8.51
C PHE A 98 -12.84 -2.09 8.59
N GLY A 99 -13.13 -0.79 8.47
CA GLY A 99 -14.52 -0.34 8.39
C GLY A 99 -14.94 -0.75 6.97
N GLN A 100 -16.23 -0.66 6.64
CA GLN A 100 -16.69 -1.07 5.30
C GLN A 100 -16.39 -0.07 4.19
N GLY A 101 -15.92 1.11 4.58
CA GLY A 101 -15.57 2.12 3.60
C GLY A 101 -16.65 3.14 3.29
N THR A 102 -16.23 4.32 2.85
CA THR A 102 -17.15 5.40 2.51
C THR A 102 -16.68 5.92 1.16
N LYS A 103 -17.55 5.80 0.16
CA LYS A 103 -17.23 6.27 -1.17
C LYS A 103 -17.63 7.76 -1.25
N VAL A 104 -16.66 8.61 -1.57
CA VAL A 104 -16.91 10.07 -1.69
C VAL A 104 -17.03 10.43 -3.16
N GLU A 105 -18.20 10.93 -3.53
CA GLU A 105 -18.52 11.34 -4.89
C GLU A 105 -18.50 12.87 -4.92
N ILE A 106 -18.04 13.44 -6.03
CA ILE A 106 -17.96 14.89 -6.16
C ILE A 106 -19.13 15.41 -7.02
N LYS A 107 -19.87 16.37 -6.47
CA LYS A 107 -20.99 17.00 -7.16
C LYS A 107 -20.37 18.15 -7.95
N ARG A 108 -20.81 18.36 -9.17
CA ARG A 108 -20.31 19.46 -9.98
C ARG A 108 -21.39 19.88 -10.97
N THR A 109 -21.10 20.88 -11.79
CA THR A 109 -22.07 21.36 -12.77
C THR A 109 -22.28 20.36 -13.93
N VAL A 110 -23.39 20.49 -14.63
CA VAL A 110 -23.68 19.61 -15.76
C VAL A 110 -22.66 19.83 -16.88
N ALA A 111 -22.23 18.74 -17.51
CA ALA A 111 -21.30 18.81 -18.62
C ALA A 111 -21.83 17.81 -19.63
N ALA A 112 -22.11 18.29 -20.83
CA ALA A 112 -22.62 17.43 -21.89
C ALA A 112 -21.48 16.57 -22.40
N PRO A 113 -21.79 15.35 -22.85
CA PRO A 113 -20.73 14.48 -23.37
C PRO A 113 -20.34 14.87 -24.78
N SER A 114 -19.12 14.53 -25.16
CA SER A 114 -18.64 14.72 -26.54
C SER A 114 -18.70 13.29 -27.07
N VAL A 115 -19.37 13.09 -28.20
CA VAL A 115 -19.57 11.75 -28.75
C VAL A 115 -18.70 11.40 -29.97
N PHE A 116 -18.19 10.17 -30.02
CA PHE A 116 -17.38 9.72 -31.15
C PHE A 116 -17.81 8.31 -31.49
N ILE A 117 -17.73 7.96 -32.78
CA ILE A 117 -18.10 6.62 -33.18
C ILE A 117 -16.96 6.04 -33.99
N PHE A 118 -16.65 4.77 -33.73
CA PHE A 118 -15.57 4.08 -34.44
C PHE A 118 -16.06 2.81 -35.12
N PRO A 119 -15.69 2.64 -36.39
CA PRO A 119 -16.07 1.47 -37.18
C PRO A 119 -15.17 0.31 -36.77
N PRO A 120 -15.57 -0.93 -37.08
CA PRO A 120 -14.70 -2.06 -36.74
C PRO A 120 -13.47 -1.95 -37.65
N SER A 121 -12.33 -2.47 -37.20
CA SER A 121 -11.10 -2.42 -38.01
C SER A 121 -11.12 -3.50 -39.09
N ASP A 122 -10.36 -3.29 -40.17
CA ASP A 122 -10.30 -4.29 -41.22
C ASP A 122 -9.68 -5.56 -40.66
N GLU A 123 -8.69 -5.40 -39.80
CA GLU A 123 -8.04 -6.56 -39.19
C GLU A 123 -9.05 -7.44 -38.46
N GLN A 124 -9.90 -6.84 -37.63
CA GLN A 124 -10.91 -7.63 -36.92
C GLN A 124 -11.91 -8.27 -37.88
N LEU A 125 -12.27 -7.53 -38.92
CA LEU A 125 -13.21 -8.04 -39.91
C LEU A 125 -12.68 -9.33 -40.56
N LYS A 126 -11.36 -9.45 -40.72
CA LYS A 126 -10.79 -10.68 -41.29
C LYS A 126 -11.28 -11.88 -40.48
N SER A 127 -11.47 -11.68 -39.18
CA SER A 127 -11.99 -12.74 -38.33
C SER A 127 -13.48 -12.67 -38.67
N GLY A 128 -14.33 -13.39 -37.97
CA GLY A 128 -15.74 -13.31 -38.34
C GLY A 128 -16.59 -12.36 -37.51
N THR A 129 -15.96 -11.38 -36.86
CA THR A 129 -16.70 -10.45 -36.00
C THR A 129 -16.43 -8.96 -36.21
N ALA A 130 -17.44 -8.15 -35.92
CA ALA A 130 -17.35 -6.70 -36.06
C ALA A 130 -17.74 -6.02 -34.74
N SER A 131 -16.85 -5.20 -34.20
CA SER A 131 -17.17 -4.46 -32.97
C SER A 131 -17.28 -2.98 -33.34
N VAL A 132 -18.43 -2.36 -33.06
CA VAL A 132 -18.57 -0.93 -33.37
C VAL A 132 -18.56 -0.26 -31.99
N VAL A 133 -17.78 0.79 -31.84
CA VAL A 133 -17.65 1.44 -30.55
C VAL A 133 -18.09 2.88 -30.54
N CYS A 134 -18.80 3.25 -29.48
CA CYS A 134 -19.26 4.61 -29.30
C CYS A 134 -18.73 5.12 -27.95
N LEU A 135 -18.11 6.30 -27.98
CA LEU A 135 -17.52 6.94 -26.81
C LEU A 135 -18.27 8.19 -26.42
N LEU A 136 -18.63 8.29 -25.15
CA LEU A 136 -19.30 9.49 -24.57
C LEU A 136 -18.21 10.00 -23.63
N ASN A 137 -17.61 11.14 -23.96
CA ASN A 137 -16.48 11.63 -23.19
C ASN A 137 -16.72 12.83 -22.29
N ASN A 138 -16.18 12.73 -21.08
CA ASN A 138 -16.25 13.80 -20.08
C ASN A 138 -17.61 14.47 -19.84
N PHE A 139 -18.51 13.72 -19.23
CA PHE A 139 -19.84 14.23 -18.97
C PHE A 139 -20.20 14.14 -17.51
N TYR A 140 -21.28 14.82 -17.13
CA TYR A 140 -21.75 14.82 -15.75
C TYR A 140 -23.18 15.38 -15.76
N PRO A 141 -24.12 14.77 -15.01
CA PRO A 141 -24.00 13.60 -14.13
C PRO A 141 -23.82 12.27 -14.89
N ARG A 142 -23.71 11.16 -14.16
CA ARG A 142 -23.47 9.87 -14.78
C ARG A 142 -24.57 9.30 -15.66
N GLU A 143 -25.83 9.64 -15.35
CA GLU A 143 -27.01 9.18 -16.10
C GLU A 143 -26.87 9.49 -17.60
N ALA A 144 -26.94 8.48 -18.44
CA ALA A 144 -26.78 8.68 -19.88
C ALA A 144 -27.40 7.51 -20.59
N LYS A 145 -27.93 7.76 -21.78
CA LYS A 145 -28.55 6.70 -22.56
C LYS A 145 -27.90 6.59 -23.94
N VAL A 146 -27.51 5.37 -24.30
CA VAL A 146 -26.93 5.12 -25.63
C VAL A 146 -27.92 4.24 -26.37
N GLN A 147 -28.30 4.64 -27.58
CA GLN A 147 -29.20 3.83 -28.38
C GLN A 147 -28.49 3.54 -29.71
N TRP A 148 -28.17 2.28 -29.95
CA TRP A 148 -27.55 1.92 -31.23
C TRP A 148 -28.61 1.76 -32.30
N LYS A 149 -28.27 2.12 -33.54
CA LYS A 149 -29.17 2.00 -34.69
C LYS A 149 -28.37 1.47 -35.89
N VAL A 150 -28.97 0.54 -36.62
CA VAL A 150 -28.34 -0.07 -37.80
C VAL A 150 -29.38 0.14 -38.91
N ASP A 151 -29.04 0.95 -39.91
CA ASP A 151 -30.01 1.30 -40.97
C ASP A 151 -31.30 1.83 -40.31
N ASN A 152 -31.12 2.70 -39.32
CA ASN A 152 -32.19 3.33 -38.53
C ASN A 152 -32.97 2.43 -37.57
N ALA A 153 -32.75 1.12 -37.61
CA ALA A 153 -33.47 0.21 -36.71
C ALA A 153 -32.86 0.16 -35.30
N LEU A 154 -33.72 0.24 -34.28
CA LEU A 154 -33.25 0.20 -32.90
C LEU A 154 -32.67 -1.15 -32.52
N GLN A 155 -31.45 -1.16 -32.00
CA GLN A 155 -30.82 -2.39 -31.59
C GLN A 155 -31.13 -2.66 -30.13
N SER A 156 -31.14 -3.93 -29.76
CA SER A 156 -31.39 -4.33 -28.40
C SER A 156 -30.73 -5.68 -28.18
N GLY A 157 -30.14 -5.87 -27.01
CA GLY A 157 -29.50 -7.12 -26.67
C GLY A 157 -28.14 -7.43 -27.28
N ASN A 158 -27.61 -6.54 -28.11
CA ASN A 158 -26.31 -6.84 -28.71
C ASN A 158 -25.24 -5.82 -28.36
N SER A 159 -25.39 -5.14 -27.23
CA SER A 159 -24.38 -4.17 -26.85
C SER A 159 -24.07 -4.26 -25.34
N GLN A 160 -22.88 -3.80 -24.98
CA GLN A 160 -22.48 -3.75 -23.58
C GLN A 160 -21.73 -2.44 -23.36
N GLU A 161 -21.82 -1.87 -22.18
CA GLU A 161 -21.09 -0.63 -21.97
C GLU A 161 -20.38 -0.64 -20.63
N SER A 162 -19.40 0.25 -20.48
CA SER A 162 -18.76 0.39 -19.18
C SER A 162 -18.43 1.87 -18.96
N VAL A 163 -18.31 2.25 -17.70
CA VAL A 163 -18.13 3.68 -17.39
C VAL A 163 -16.92 3.86 -16.49
N THR A 164 -16.18 4.95 -16.65
CA THR A 164 -15.01 5.17 -15.82
C THR A 164 -15.48 5.78 -14.48
N GLU A 165 -14.58 5.80 -13.50
CA GLU A 165 -14.91 6.40 -12.20
C GLU A 165 -14.66 7.90 -12.40
N GLN A 166 -15.22 8.75 -11.53
CA GLN A 166 -15.06 10.20 -11.69
C GLN A 166 -13.61 10.60 -11.86
N ASP A 167 -13.36 11.54 -12.79
CA ASP A 167 -11.99 12.02 -13.07
C ASP A 167 -11.47 12.78 -11.85
N SER A 168 -10.20 12.58 -11.50
CA SER A 168 -9.61 13.24 -10.34
C SER A 168 -9.40 14.74 -10.53
N LYS A 169 -9.49 15.20 -11.77
CA LYS A 169 -9.30 16.62 -12.07
C LYS A 169 -10.59 17.39 -12.39
N ASP A 170 -11.44 16.87 -13.27
CA ASP A 170 -12.69 17.58 -13.63
C ASP A 170 -13.95 16.92 -13.13
N SER A 171 -13.78 15.81 -12.42
CA SER A 171 -14.90 15.10 -11.85
C SER A 171 -15.93 14.56 -12.86
N THR A 172 -15.56 14.45 -14.14
CA THR A 172 -16.52 13.89 -15.09
C THR A 172 -16.40 12.35 -15.23
N TYR A 173 -17.31 11.80 -16.02
CA TYR A 173 -17.33 10.38 -16.32
C TYR A 173 -17.17 10.25 -17.82
N SER A 174 -16.73 9.06 -18.25
CA SER A 174 -16.71 8.78 -19.70
C SER A 174 -17.31 7.39 -19.83
N LEU A 175 -17.93 7.11 -20.98
CA LEU A 175 -18.61 5.82 -21.19
C LEU A 175 -18.28 5.28 -22.57
N SER A 176 -18.12 3.96 -22.65
CA SER A 176 -17.82 3.29 -23.92
C SER A 176 -18.91 2.23 -24.10
N SER A 177 -19.54 2.20 -25.28
CA SER A 177 -20.55 1.19 -25.57
C SER A 177 -20.06 0.46 -26.84
N THR A 178 -20.13 -0.86 -26.82
CA THR A 178 -19.70 -1.67 -27.96
C THR A 178 -20.85 -2.49 -28.52
N LEU A 179 -21.10 -2.35 -29.82
CA LEU A 179 -22.14 -3.10 -30.51
C LEU A 179 -21.39 -4.24 -31.21
N THR A 180 -21.79 -5.48 -30.99
CA THR A 180 -21.11 -6.62 -31.60
C THR A 180 -22.02 -7.35 -32.58
N LEU A 181 -21.55 -7.55 -33.81
CA LEU A 181 -22.31 -8.27 -34.84
C LEU A 181 -21.36 -9.21 -35.56
N SER A 182 -21.89 -10.27 -36.16
CA SER A 182 -21.02 -11.16 -36.92
C SER A 182 -20.64 -10.35 -38.16
N LYS A 183 -19.56 -10.72 -38.83
CA LYS A 183 -19.16 -9.99 -40.04
C LYS A 183 -20.27 -10.08 -41.09
N ALA A 184 -20.93 -11.23 -41.15
CA ALA A 184 -22.01 -11.43 -42.12
C ALA A 184 -23.09 -10.38 -41.93
N ASP A 185 -23.55 -10.21 -40.69
CA ASP A 185 -24.58 -9.22 -40.44
C ASP A 185 -24.11 -7.80 -40.68
N TYR A 186 -22.88 -7.50 -40.24
CA TYR A 186 -22.31 -6.16 -40.41
C TYR A 186 -22.37 -5.75 -41.89
N GLU A 187 -22.02 -6.67 -42.79
CA GLU A 187 -22.01 -6.40 -44.23
C GLU A 187 -23.39 -6.27 -44.89
N LYS A 188 -24.44 -6.53 -44.15
CA LYS A 188 -25.80 -6.43 -44.70
C LYS A 188 -26.39 -5.06 -44.49
N HIS A 189 -25.67 -4.17 -43.81
CA HIS A 189 -26.21 -2.85 -43.55
C HIS A 189 -25.23 -1.76 -43.85
N LYS A 190 -25.75 -0.55 -44.03
CA LYS A 190 -24.91 0.58 -44.37
C LYS A 190 -24.66 1.57 -43.27
N VAL A 191 -25.73 2.06 -42.64
CA VAL A 191 -25.61 3.08 -41.63
C VAL A 191 -25.58 2.59 -40.19
N TYR A 192 -24.48 2.93 -39.50
CA TYR A 192 -24.28 2.55 -38.11
C TYR A 192 -24.28 3.84 -37.29
N ALA A 193 -25.11 3.92 -36.27
CA ALA A 193 -25.18 5.15 -35.50
C ALA A 193 -25.42 4.95 -34.02
N CYS A 194 -24.93 5.88 -33.19
CA CYS A 194 -25.24 5.78 -31.79
C CYS A 194 -25.85 7.10 -31.45
N GLU A 195 -27.01 7.03 -30.82
CA GLU A 195 -27.74 8.21 -30.42
C GLU A 195 -27.59 8.34 -28.91
N VAL A 196 -27.15 9.52 -28.48
CA VAL A 196 -26.90 9.79 -27.08
C VAL A 196 -27.87 10.79 -26.46
N THR A 197 -28.41 10.44 -25.29
CA THR A 197 -29.33 11.31 -24.57
C THR A 197 -28.70 11.57 -23.21
N HIS A 198 -28.61 12.85 -22.86
CA HIS A 198 -28.02 13.28 -21.59
C HIS A 198 -28.58 14.64 -21.19
N GLN A 199 -28.67 14.88 -19.88
CA GLN A 199 -29.19 16.13 -19.33
C GLN A 199 -28.53 17.36 -19.93
N GLY A 200 -27.24 17.25 -20.23
CA GLY A 200 -26.53 18.38 -20.79
C GLY A 200 -26.83 18.67 -22.26
N LEU A 201 -27.56 17.77 -22.93
CA LEU A 201 -27.88 17.98 -24.34
C LEU A 201 -29.33 18.42 -24.51
N SER A 202 -29.54 19.51 -25.27
CA SER A 202 -30.90 20.02 -25.49
C SER A 202 -31.74 18.98 -26.23
N SER A 203 -31.11 18.26 -27.16
CA SER A 203 -31.76 17.18 -27.89
C SER A 203 -30.68 16.09 -28.09
N PRO A 204 -31.10 14.83 -28.31
CA PRO A 204 -30.17 13.71 -28.51
C PRO A 204 -29.13 13.95 -29.62
N VAL A 205 -27.90 13.53 -29.39
CA VAL A 205 -26.84 13.71 -30.38
C VAL A 205 -26.58 12.37 -31.03
N THR A 206 -26.44 12.36 -32.35
CA THR A 206 -26.15 11.12 -33.07
C THR A 206 -24.86 11.23 -33.88
N LYS A 207 -24.00 10.23 -33.76
CA LYS A 207 -22.80 10.18 -34.58
C LYS A 207 -22.97 8.89 -35.36
N SER A 208 -22.57 8.91 -36.62
CA SER A 208 -22.69 7.72 -37.44
C SER A 208 -21.69 7.66 -38.57
N PHE A 209 -21.65 6.52 -39.24
CA PHE A 209 -20.81 6.34 -40.40
C PHE A 209 -21.52 5.36 -41.33
N ASN A 210 -21.14 5.39 -42.60
CA ASN A 210 -21.70 4.47 -43.58
C ASN A 210 -20.62 3.44 -43.85
N ARG A 211 -20.95 2.16 -43.70
CA ARG A 211 -19.99 1.08 -43.90
C ARG A 211 -19.33 1.25 -45.26
N GLY A 212 -17.99 1.22 -45.29
CA GLY A 212 -17.30 1.36 -46.55
C GLY A 212 -16.86 2.78 -46.90
N GLU A 213 -17.77 3.75 -46.81
CA GLU A 213 -17.45 5.14 -47.11
C GLU A 213 -16.18 5.59 -46.38
N GLU B 1 15.46 3.29 -1.89
CA GLU B 1 14.03 3.35 -2.31
C GLU B 1 13.31 2.02 -2.01
N VAL B 2 12.26 2.12 -1.19
CA VAL B 2 11.50 0.95 -0.80
C VAL B 2 10.56 0.50 -1.89
N GLN B 3 10.42 -0.81 -2.06
CA GLN B 3 9.51 -1.32 -3.05
C GLN B 3 9.00 -2.70 -2.63
N LEU B 4 7.73 -2.98 -2.91
CA LEU B 4 7.11 -4.27 -2.60
C LEU B 4 6.52 -4.72 -3.92
N VAL B 5 6.94 -5.87 -4.39
CA VAL B 5 6.44 -6.37 -5.66
C VAL B 5 5.83 -7.73 -5.47
N GLU B 6 4.55 -7.85 -5.79
CA GLU B 6 3.91 -9.13 -5.63
C GLU B 6 3.88 -9.93 -6.92
N SER B 7 3.78 -11.25 -6.79
CA SER B 7 3.69 -12.15 -7.94
C SER B 7 2.97 -13.41 -7.51
N GLY B 8 2.59 -14.24 -8.49
CA GLY B 8 1.90 -15.46 -8.20
C GLY B 8 0.43 -15.37 -8.55
N GLY B 9 -0.02 -14.20 -9.00
CA GLY B 9 -1.43 -14.00 -9.35
C GLY B 9 -1.94 -14.76 -10.59
N GLY B 10 -3.23 -14.66 -10.84
CA GLY B 10 -3.79 -15.36 -11.98
C GLY B 10 -4.86 -16.38 -11.63
N LEU B 11 -5.02 -17.35 -12.51
CA LEU B 11 -6.02 -18.38 -12.35
C LEU B 11 -5.77 -19.44 -11.28
N VAL B 12 -6.80 -19.78 -10.53
CA VAL B 12 -6.72 -20.87 -9.54
C VAL B 12 -8.05 -21.61 -9.68
N GLN B 13 -8.00 -22.93 -9.80
CA GLN B 13 -9.23 -23.69 -9.91
C GLN B 13 -9.98 -23.75 -8.59
N PRO B 14 -11.30 -23.85 -8.64
CA PRO B 14 -12.14 -23.94 -7.45
C PRO B 14 -11.58 -25.12 -6.65
N GLY B 15 -11.40 -24.94 -5.34
CA GLY B 15 -10.84 -26.01 -4.52
C GLY B 15 -9.31 -26.00 -4.52
N GLY B 16 -8.71 -25.18 -5.38
CA GLY B 16 -7.26 -25.08 -5.46
C GLY B 16 -6.66 -24.15 -4.42
N SER B 17 -5.39 -23.81 -4.56
CA SER B 17 -4.68 -22.93 -3.62
C SER B 17 -4.06 -21.75 -4.36
N LEU B 18 -4.12 -20.55 -3.76
CA LEU B 18 -3.41 -19.43 -4.37
C LEU B 18 -2.08 -19.47 -3.61
N ARG B 19 -1.01 -19.08 -4.29
CA ARG B 19 0.30 -19.07 -3.69
C ARG B 19 0.98 -17.82 -4.17
N LEU B 20 1.06 -16.83 -3.29
CA LEU B 20 1.64 -15.55 -3.68
C LEU B 20 2.91 -15.22 -2.96
N SER B 21 3.69 -14.32 -3.55
CA SER B 21 4.94 -13.87 -2.96
C SER B 21 4.98 -12.35 -3.00
N CYS B 22 5.73 -11.78 -2.08
CA CYS B 22 5.87 -10.34 -1.96
C CYS B 22 7.36 -10.08 -1.84
N ALA B 23 8.02 -9.69 -2.94
CA ALA B 23 9.45 -9.42 -2.92
C ALA B 23 9.73 -8.00 -2.49
N ALA B 24 10.47 -7.82 -1.41
CA ALA B 24 10.79 -6.48 -0.91
C ALA B 24 12.21 -6.07 -1.26
N SER B 25 12.40 -4.79 -1.53
CA SER B 25 13.74 -4.29 -1.83
C SER B 25 13.90 -2.90 -1.21
N GLY B 26 15.13 -2.56 -0.83
CA GLY B 26 15.40 -1.27 -0.25
C GLY B 26 15.37 -1.28 1.27
N PHE B 27 15.07 -2.43 1.86
CA PHE B 27 15.03 -2.54 3.32
C PHE B 27 14.98 -4.00 3.69
N ASN B 28 15.21 -4.30 4.96
CA ASN B 28 15.16 -5.68 5.43
C ASN B 28 13.80 -5.93 6.09
N ILE B 29 13.06 -6.94 5.62
CA ILE B 29 11.75 -7.21 6.22
C ILE B 29 11.78 -7.52 7.73
N LYS B 30 12.92 -7.97 8.24
CA LYS B 30 13.00 -8.30 9.66
C LYS B 30 12.82 -7.05 10.54
N GLU B 31 12.97 -5.87 9.93
CA GLU B 31 12.82 -4.61 10.64
C GLU B 31 11.36 -4.21 10.81
N TYR B 32 10.45 -4.90 10.14
CA TYR B 32 9.03 -4.55 10.18
C TYR B 32 8.12 -5.73 10.40
N TYR B 33 6.80 -5.52 10.22
CA TYR B 33 5.86 -6.64 10.29
C TYR B 33 5.26 -6.57 8.88
N MET B 34 5.12 -7.72 8.24
CA MET B 34 4.58 -7.74 6.89
C MET B 34 3.17 -8.31 6.86
N HIS B 35 2.24 -7.57 6.26
CA HIS B 35 0.84 -8.02 6.20
C HIS B 35 0.28 -8.32 4.83
N TRP B 36 -0.80 -9.11 4.81
CA TRP B 36 -1.54 -9.40 3.60
C TRP B 36 -2.96 -8.86 3.83
N VAL B 37 -3.47 -8.12 2.83
CA VAL B 37 -4.80 -7.51 2.85
C VAL B 37 -5.41 -7.81 1.49
N ARG B 38 -6.70 -8.17 1.46
CA ARG B 38 -7.31 -8.49 0.17
C ARG B 38 -8.57 -7.65 -0.09
N GLN B 39 -8.97 -7.60 -1.35
CA GLN B 39 -10.16 -6.84 -1.74
C GLN B 39 -10.88 -7.49 -2.92
N ALA B 40 -12.08 -8.02 -2.67
CA ALA B 40 -12.88 -8.66 -3.71
C ALA B 40 -13.37 -7.54 -4.64
N PRO B 41 -13.60 -7.85 -5.93
CA PRO B 41 -14.06 -6.85 -6.92
C PRO B 41 -15.22 -6.01 -6.42
N GLY B 42 -15.00 -4.69 -6.42
CA GLY B 42 -16.00 -3.73 -5.97
C GLY B 42 -16.33 -3.79 -4.48
N LYS B 43 -15.55 -4.54 -3.70
CA LYS B 43 -15.82 -4.65 -2.26
C LYS B 43 -14.77 -3.94 -1.40
N GLY B 44 -14.89 -4.09 -0.09
CA GLY B 44 -13.99 -3.42 0.84
C GLY B 44 -12.70 -4.16 1.17
N LEU B 45 -11.80 -3.48 1.88
CA LEU B 45 -10.55 -4.09 2.30
C LEU B 45 -10.81 -5.12 3.38
N GLU B 46 -10.08 -6.25 3.30
CA GLU B 46 -10.24 -7.31 4.30
C GLU B 46 -8.87 -7.77 4.77
N TRP B 47 -8.63 -7.70 6.08
CA TRP B 47 -7.33 -8.12 6.63
C TRP B 47 -7.20 -9.65 6.64
N VAL B 48 -6.06 -10.16 6.18
CA VAL B 48 -5.81 -11.61 6.15
C VAL B 48 -4.89 -12.06 7.30
N GLY B 49 -3.72 -11.41 7.42
CA GLY B 49 -2.81 -11.80 8.48
C GLY B 49 -1.49 -11.04 8.40
N LEU B 50 -0.57 -11.32 9.35
CA LEU B 50 0.74 -10.68 9.38
C LEU B 50 1.78 -11.73 9.77
N ILE B 51 3.05 -11.45 9.46
CA ILE B 51 4.16 -12.28 9.86
C ILE B 51 5.23 -11.30 10.35
N ASP B 52 5.89 -11.66 11.45
CA ASP B 52 6.97 -10.87 12.08
C ASP B 52 8.24 -11.65 11.67
N PRO B 53 8.99 -11.15 10.68
CA PRO B 53 10.20 -11.89 10.26
C PRO B 53 11.31 -11.98 11.28
N GLU B 54 11.16 -11.28 12.42
CA GLU B 54 12.16 -11.34 13.47
C GLU B 54 12.24 -12.78 14.01
N GLN B 55 11.09 -13.45 14.14
CA GLN B 55 11.08 -14.82 14.64
C GLN B 55 10.06 -15.75 13.97
N GLY B 56 9.40 -15.24 12.93
CA GLY B 56 8.43 -16.04 12.22
C GLY B 56 7.03 -16.10 12.82
N ASN B 57 6.75 -15.31 13.84
CA ASN B 57 5.40 -15.33 14.42
C ASN B 57 4.41 -14.89 13.35
N THR B 58 3.27 -15.58 13.29
CA THR B 58 2.25 -15.26 12.31
C THR B 58 0.92 -15.12 13.01
N ILE B 59 0.12 -14.14 12.60
CA ILE B 59 -1.20 -13.96 13.20
C ILE B 59 -2.18 -14.01 12.02
N TYR B 60 -3.24 -14.82 12.15
CA TYR B 60 -4.23 -14.93 11.07
C TYR B 60 -5.57 -14.43 11.52
N ASP B 61 -6.33 -13.83 10.60
CA ASP B 61 -7.68 -13.45 10.96
C ASP B 61 -8.35 -14.84 11.15
N PRO B 62 -9.21 -14.98 12.16
CA PRO B 62 -9.90 -16.26 12.41
C PRO B 62 -10.56 -16.87 11.18
N LYS B 63 -11.00 -16.04 10.25
CA LYS B 63 -11.62 -16.52 9.00
C LYS B 63 -10.66 -17.30 8.11
N PHE B 64 -9.36 -17.09 8.27
CA PHE B 64 -8.37 -17.76 7.42
C PHE B 64 -7.40 -18.70 8.16
N GLN B 65 -7.47 -18.70 9.49
CA GLN B 65 -6.57 -19.52 10.32
C GLN B 65 -6.38 -20.97 9.91
N ASP B 66 -7.46 -21.65 9.58
CA ASP B 66 -7.31 -23.06 9.20
C ASP B 66 -7.07 -23.33 7.72
N ARG B 67 -7.12 -22.31 6.86
CA ARG B 67 -6.93 -22.55 5.42
C ARG B 67 -5.77 -21.77 4.78
N ALA B 68 -5.02 -21.04 5.59
CA ALA B 68 -3.92 -20.24 5.05
C ALA B 68 -2.61 -20.38 5.77
N THR B 69 -1.54 -20.09 5.04
CA THR B 69 -0.21 -20.09 5.59
C THR B 69 0.58 -18.87 5.12
N ILE B 70 1.02 -18.06 6.07
CA ILE B 70 1.85 -16.92 5.73
C ILE B 70 3.27 -17.28 6.17
N SER B 71 4.27 -16.99 5.34
CA SER B 71 5.63 -17.28 5.73
C SER B 71 6.57 -16.19 5.23
N ALA B 72 7.85 -16.27 5.62
CA ALA B 72 8.82 -15.26 5.24
C ALA B 72 10.23 -15.85 5.21
N ASP B 73 11.02 -15.37 4.26
CA ASP B 73 12.40 -15.84 4.07
C ASP B 73 13.28 -14.59 4.12
N ASN B 74 13.97 -14.39 5.25
CA ASN B 74 14.82 -13.21 5.39
C ASN B 74 15.95 -13.16 4.34
N SER B 75 16.50 -14.32 3.99
CA SER B 75 17.58 -14.34 3.00
C SER B 75 17.11 -13.90 1.60
N LYS B 76 15.84 -14.13 1.28
CA LYS B 76 15.27 -13.69 -0.02
C LYS B 76 14.49 -12.38 0.16
N ASN B 77 14.41 -11.92 1.41
CA ASN B 77 13.70 -10.69 1.78
C ASN B 77 12.33 -10.72 1.15
N THR B 78 11.65 -11.86 1.29
CA THR B 78 10.35 -12.07 0.67
C THR B 78 9.33 -12.64 1.63
N ALA B 79 8.07 -12.23 1.50
CA ALA B 79 7.01 -12.78 2.36
C ALA B 79 6.07 -13.54 1.45
N TYR B 80 5.35 -14.53 1.98
CA TYR B 80 4.44 -15.33 1.16
C TYR B 80 3.07 -15.53 1.78
N LEU B 81 2.09 -15.84 0.92
CA LEU B 81 0.75 -16.14 1.36
C LEU B 81 0.19 -17.30 0.53
N GLN B 82 -0.25 -18.35 1.21
CA GLN B 82 -0.89 -19.45 0.52
C GLN B 82 -2.25 -19.56 1.18
N MET B 83 -3.30 -19.77 0.38
CA MET B 83 -4.65 -19.94 0.92
C MET B 83 -5.25 -21.13 0.15
N ASN B 84 -5.84 -22.08 0.88
CA ASN B 84 -6.37 -23.30 0.29
C ASN B 84 -7.89 -23.41 0.16
N SER B 85 -8.33 -24.45 -0.56
CA SER B 85 -9.75 -24.72 -0.79
C SER B 85 -10.50 -23.46 -1.25
N LEU B 86 -9.98 -22.81 -2.28
CA LEU B 86 -10.59 -21.57 -2.76
C LEU B 86 -11.99 -21.71 -3.34
N ARG B 87 -12.85 -20.73 -3.06
CA ARG B 87 -14.22 -20.65 -3.59
C ARG B 87 -14.29 -19.31 -4.32
N ALA B 88 -15.41 -19.05 -4.98
CA ALA B 88 -15.63 -17.80 -5.71
C ALA B 88 -15.36 -16.56 -4.87
N GLU B 89 -15.76 -16.58 -3.61
CA GLU B 89 -15.53 -15.41 -2.77
C GLU B 89 -14.07 -15.10 -2.49
N ASP B 90 -13.17 -15.99 -2.90
CA ASP B 90 -11.74 -15.76 -2.69
C ASP B 90 -11.10 -15.01 -3.86
N THR B 91 -11.88 -14.82 -4.93
CA THR B 91 -11.40 -14.06 -6.09
C THR B 91 -11.26 -12.64 -5.56
N ALA B 92 -10.06 -12.09 -5.69
CA ALA B 92 -9.79 -10.77 -5.15
C ALA B 92 -8.39 -10.31 -5.49
N VAL B 93 -8.14 -9.02 -5.25
CA VAL B 93 -6.81 -8.47 -5.43
C VAL B 93 -6.13 -8.64 -4.06
N TYR B 94 -4.95 -9.24 -4.03
CA TYR B 94 -4.26 -9.43 -2.78
C TYR B 94 -3.06 -8.48 -2.70
N TYR B 95 -2.99 -7.70 -1.62
CA TYR B 95 -1.88 -6.76 -1.39
C TYR B 95 -0.97 -7.20 -0.23
N CYS B 96 0.31 -6.89 -0.39
CA CYS B 96 1.32 -7.11 0.63
C CYS B 96 1.53 -5.69 1.18
N ALA B 97 1.63 -5.51 2.51
CA ALA B 97 1.86 -4.16 3.08
C ALA B 97 2.92 -4.15 4.19
N ARG B 98 3.71 -3.09 4.25
CA ARG B 98 4.72 -2.95 5.29
C ARG B 98 4.09 -2.16 6.45
N ASP B 99 4.15 -2.74 7.62
CA ASP B 99 3.57 -2.17 8.83
C ASP B 99 4.70 -1.63 9.75
N THR B 100 4.63 -0.35 10.08
CA THR B 100 5.64 0.27 10.96
C THR B 100 5.27 0.15 12.44
N ALA B 101 4.09 -0.40 12.71
CA ALA B 101 3.50 -0.54 14.05
C ALA B 101 2.63 0.68 14.31
N ALA B 102 2.80 1.76 13.52
CA ALA B 102 1.94 2.95 13.63
C ALA B 102 0.98 2.92 12.40
N TYR B 103 1.47 2.52 11.23
CA TYR B 103 0.60 2.43 10.04
C TYR B 103 1.28 1.66 8.91
N PHE B 104 0.54 1.40 7.84
CA PHE B 104 1.10 0.74 6.66
C PHE B 104 1.71 1.89 5.87
N ASP B 105 3.04 1.89 5.67
CA ASP B 105 3.67 3.01 4.94
C ASP B 105 4.06 2.68 3.48
N TYR B 106 4.05 1.40 3.12
CA TYR B 106 4.33 0.95 1.76
C TYR B 106 3.42 -0.23 1.43
N TRP B 107 3.04 -0.32 0.16
CA TRP B 107 2.17 -1.39 -0.33
C TRP B 107 2.68 -1.92 -1.67
N GLY B 108 2.38 -3.18 -1.96
CA GLY B 108 2.70 -3.76 -3.25
C GLY B 108 1.65 -3.21 -4.20
N GLN B 109 1.74 -3.56 -5.48
CA GLN B 109 0.81 -3.04 -6.46
C GLN B 109 -0.50 -3.83 -6.44
N GLY B 110 -0.46 -4.99 -5.78
CA GLY B 110 -1.65 -5.82 -5.72
C GLY B 110 -1.66 -6.83 -6.84
N THR B 111 -2.13 -8.05 -6.57
CA THR B 111 -2.21 -9.04 -7.65
C THR B 111 -3.56 -9.76 -7.57
N LEU B 112 -4.24 -9.86 -8.71
CA LEU B 112 -5.54 -10.48 -8.75
C LEU B 112 -5.52 -12.00 -8.87
N VAL B 113 -6.31 -12.65 -8.02
CA VAL B 113 -6.45 -14.08 -8.06
C VAL B 113 -7.89 -14.30 -8.54
N THR B 114 -8.03 -15.06 -9.61
CA THR B 114 -9.36 -15.34 -10.16
C THR B 114 -9.63 -16.83 -9.94
N VAL B 115 -10.66 -17.17 -9.19
CA VAL B 115 -10.98 -18.56 -8.94
C VAL B 115 -11.92 -18.99 -10.08
N SER B 116 -11.43 -19.86 -10.95
CA SER B 116 -12.22 -20.29 -12.11
C SER B 116 -11.70 -21.59 -12.72
N SER B 117 -12.60 -22.31 -13.39
CA SER B 117 -12.25 -23.56 -14.07
C SER B 117 -11.82 -23.30 -15.53
N ALA B 118 -12.07 -22.10 -16.03
CA ALA B 118 -11.71 -21.75 -17.40
C ALA B 118 -10.22 -21.60 -17.58
N SER B 119 -9.77 -21.57 -18.83
CA SER B 119 -8.34 -21.43 -19.14
C SER B 119 -7.99 -20.04 -19.63
N THR B 120 -6.70 -19.73 -19.60
CA THR B 120 -6.23 -18.42 -20.03
C THR B 120 -6.35 -18.24 -21.54
N LYS B 121 -6.58 -17.00 -21.96
CA LYS B 121 -6.67 -16.68 -23.38
C LYS B 121 -6.13 -15.28 -23.59
N GLY B 122 -5.24 -15.15 -24.57
CA GLY B 122 -4.64 -13.86 -24.88
C GLY B 122 -5.57 -13.02 -25.73
N PRO B 123 -5.46 -11.69 -25.65
CA PRO B 123 -6.31 -10.79 -26.42
C PRO B 123 -5.78 -10.44 -27.80
N SER B 124 -6.67 -9.92 -28.64
CA SER B 124 -6.32 -9.39 -29.94
C SER B 124 -6.47 -7.90 -29.68
N VAL B 125 -5.63 -7.08 -30.31
CA VAL B 125 -5.71 -5.65 -30.13
C VAL B 125 -6.03 -5.00 -31.46
N PHE B 126 -7.11 -4.23 -31.49
CA PHE B 126 -7.55 -3.55 -32.70
C PHE B 126 -7.58 -2.04 -32.49
N PRO B 127 -7.26 -1.27 -33.53
CA PRO B 127 -7.27 0.19 -33.42
C PRO B 127 -8.69 0.78 -33.47
N LEU B 128 -8.88 1.88 -32.76
CA LEU B 128 -10.14 2.64 -32.78
C LEU B 128 -9.60 3.88 -33.49
N ALA B 129 -9.77 3.91 -34.81
CA ALA B 129 -9.21 4.97 -35.65
C ALA B 129 -9.90 6.30 -35.60
N PRO B 130 -9.12 7.38 -35.46
CA PRO B 130 -9.72 8.71 -35.41
C PRO B 130 -10.48 9.03 -36.68
N SER B 131 -11.65 9.61 -36.52
CA SER B 131 -12.50 10.01 -37.66
C SER B 131 -11.84 11.24 -38.28
N SER B 132 -11.22 12.04 -37.41
CA SER B 132 -10.49 13.26 -37.74
C SER B 132 -11.37 14.49 -37.46
N GLY B 137 -13.76 17.72 -36.20
CA GLY B 137 -13.89 18.90 -35.37
C GLY B 137 -12.55 19.44 -34.89
N GLY B 138 -12.50 19.89 -33.64
CA GLY B 138 -11.28 20.43 -33.06
C GLY B 138 -10.54 19.37 -32.26
N THR B 139 -11.31 18.52 -31.59
CA THR B 139 -10.76 17.45 -30.78
C THR B 139 -11.07 16.12 -31.46
N ALA B 140 -10.09 15.23 -31.51
CA ALA B 140 -10.29 13.92 -32.10
C ALA B 140 -10.09 12.87 -31.02
N ALA B 141 -10.71 11.72 -31.18
CA ALA B 141 -10.56 10.63 -30.23
C ALA B 141 -10.00 9.44 -30.99
N LEU B 142 -9.16 8.64 -30.33
CA LEU B 142 -8.61 7.46 -30.96
C LEU B 142 -8.40 6.48 -29.82
N GLY B 143 -8.13 5.22 -30.14
CA GLY B 143 -7.90 4.27 -29.06
C GLY B 143 -7.55 2.89 -29.53
N CYS B 144 -7.65 1.95 -28.62
CA CYS B 144 -7.39 0.56 -28.90
C CYS B 144 -8.46 -0.29 -28.24
N LEU B 145 -8.93 -1.31 -28.97
CA LEU B 145 -9.91 -2.24 -28.43
C LEU B 145 -9.14 -3.54 -28.13
N VAL B 146 -9.15 -3.96 -26.86
CA VAL B 146 -8.44 -5.17 -26.42
C VAL B 146 -9.53 -6.21 -26.22
N LYS B 147 -9.64 -7.11 -27.21
CA LYS B 147 -10.71 -8.08 -27.16
C LYS B 147 -10.42 -9.56 -26.92
N ASP B 148 -11.36 -10.20 -26.23
CA ASP B 148 -11.35 -11.64 -25.95
C ASP B 148 -10.17 -12.21 -25.18
N TYR B 149 -10.09 -11.89 -23.89
CA TYR B 149 -9.01 -12.39 -23.06
C TYR B 149 -9.56 -12.89 -21.74
N PHE B 150 -8.79 -13.74 -21.08
CA PHE B 150 -9.21 -14.28 -19.78
C PHE B 150 -7.96 -14.82 -19.11
N PRO B 151 -7.82 -14.58 -17.80
CA PRO B 151 -8.75 -13.85 -16.94
C PRO B 151 -8.29 -12.37 -16.90
N GLU B 152 -8.87 -11.57 -16.02
CA GLU B 152 -8.40 -10.20 -15.90
C GLU B 152 -7.05 -10.33 -15.20
N PRO B 153 -6.22 -9.29 -15.24
CA PRO B 153 -6.46 -8.00 -15.88
C PRO B 153 -5.55 -7.77 -17.10
N VAL B 154 -5.76 -6.63 -17.72
CA VAL B 154 -4.97 -6.22 -18.84
C VAL B 154 -4.56 -4.79 -18.47
N THR B 155 -3.38 -4.37 -18.89
CA THR B 155 -2.97 -2.99 -18.62
C THR B 155 -2.71 -2.34 -19.95
N VAL B 156 -3.00 -1.05 -20.05
CA VAL B 156 -2.77 -0.32 -21.27
C VAL B 156 -2.11 1.01 -20.97
N SER B 157 -1.12 1.37 -21.77
CA SER B 157 -0.49 2.65 -21.59
C SER B 157 -0.40 3.22 -23.00
N TRP B 158 -0.11 4.50 -23.10
CA TRP B 158 0.05 5.14 -24.41
C TRP B 158 1.45 5.72 -24.57
N ASN B 159 2.08 5.43 -25.70
CA ASN B 159 3.43 5.89 -25.99
C ASN B 159 4.37 5.61 -24.84
N SER B 160 4.32 4.35 -24.40
CA SER B 160 5.14 3.84 -23.32
C SER B 160 4.99 4.64 -22.03
N GLY B 161 3.82 5.22 -21.82
CA GLY B 161 3.58 5.97 -20.60
C GLY B 161 3.82 7.45 -20.68
N ALA B 162 4.36 7.94 -21.79
CA ALA B 162 4.62 9.37 -21.94
C ALA B 162 3.34 10.18 -22.07
N LEU B 163 2.32 9.57 -22.72
CA LEU B 163 1.03 10.23 -22.93
C LEU B 163 0.02 9.71 -21.90
N THR B 164 -0.42 10.58 -20.99
CA THR B 164 -1.39 10.19 -19.96
C THR B 164 -2.61 11.11 -19.86
N SER B 165 -2.46 12.39 -20.20
CA SER B 165 -3.60 13.30 -20.11
C SER B 165 -4.64 12.96 -21.20
N GLY B 166 -5.91 12.98 -20.85
CA GLY B 166 -6.92 12.65 -21.83
C GLY B 166 -7.15 11.16 -22.06
N VAL B 167 -6.39 10.31 -21.37
CA VAL B 167 -6.54 8.87 -21.53
C VAL B 167 -7.63 8.30 -20.60
N HIS B 168 -8.50 7.46 -21.16
CA HIS B 168 -9.54 6.80 -20.38
C HIS B 168 -9.46 5.34 -20.77
N THR B 169 -9.08 4.49 -19.80
CA THR B 169 -9.03 3.06 -20.03
C THR B 169 -10.22 2.54 -19.23
N PHE B 170 -11.20 2.01 -19.95
CA PHE B 170 -12.44 1.55 -19.36
C PHE B 170 -12.40 0.21 -18.64
N PRO B 171 -13.33 0.00 -17.70
CA PRO B 171 -13.43 -1.26 -16.94
C PRO B 171 -13.77 -2.31 -18.00
N ALA B 172 -13.23 -3.51 -17.86
CA ALA B 172 -13.52 -4.56 -18.84
C ALA B 172 -14.98 -5.01 -18.74
N VAL B 173 -15.48 -5.57 -19.83
CA VAL B 173 -16.84 -6.10 -19.82
C VAL B 173 -16.72 -7.61 -20.09
N LEU B 174 -17.46 -8.40 -19.34
CA LEU B 174 -17.46 -9.84 -19.51
C LEU B 174 -18.50 -10.14 -20.58
N GLN B 175 -18.07 -10.70 -21.70
CA GLN B 175 -18.97 -11.03 -22.80
C GLN B 175 -19.71 -12.35 -22.58
N SER B 176 -20.77 -12.58 -23.35
CA SER B 176 -21.53 -13.82 -23.22
C SER B 176 -20.66 -15.04 -23.39
N SER B 177 -19.59 -14.88 -24.16
CA SER B 177 -18.65 -15.96 -24.43
C SER B 177 -17.83 -16.35 -23.19
N GLY B 178 -17.77 -15.47 -22.20
CA GLY B 178 -16.98 -15.79 -21.02
C GLY B 178 -15.63 -15.13 -21.08
N LEU B 179 -15.40 -14.36 -22.14
CA LEU B 179 -14.13 -13.66 -22.29
C LEU B 179 -14.37 -12.15 -22.09
N TYR B 180 -13.33 -11.47 -21.63
CA TYR B 180 -13.42 -10.02 -21.41
C TYR B 180 -13.00 -9.24 -22.63
N SER B 181 -13.46 -7.99 -22.69
CA SER B 181 -13.08 -7.05 -23.75
C SER B 181 -12.97 -5.68 -23.06
N LEU B 182 -11.99 -4.89 -23.46
CA LEU B 182 -11.81 -3.59 -22.85
C LEU B 182 -11.36 -2.58 -23.88
N SER B 183 -11.72 -1.31 -23.70
CA SER B 183 -11.24 -0.32 -24.65
C SER B 183 -10.48 0.79 -23.91
N SER B 184 -9.48 1.37 -24.58
CA SER B 184 -8.72 2.50 -24.02
C SER B 184 -8.72 3.59 -25.09
N VAL B 185 -9.02 4.81 -24.71
CA VAL B 185 -9.06 5.90 -25.65
C VAL B 185 -8.30 7.11 -25.12
N VAL B 186 -8.04 8.05 -26.02
CA VAL B 186 -7.41 9.30 -25.65
C VAL B 186 -7.93 10.37 -26.64
N THR B 187 -8.13 11.58 -26.16
CA THR B 187 -8.55 12.68 -27.01
C THR B 187 -7.35 13.60 -27.21
N VAL B 188 -7.17 14.04 -28.45
CA VAL B 188 -6.05 14.90 -28.84
C VAL B 188 -6.51 15.94 -29.87
N PRO B 189 -5.69 16.97 -30.12
CA PRO B 189 -6.10 17.97 -31.12
C PRO B 189 -6.15 17.28 -32.49
N SER B 190 -7.19 17.56 -33.27
CA SER B 190 -7.30 16.98 -34.61
C SER B 190 -6.06 17.31 -35.47
N SER B 191 -5.52 18.51 -35.32
CA SER B 191 -4.36 18.90 -36.12
C SER B 191 -3.08 18.11 -35.83
N SER B 192 -3.11 17.23 -34.84
CA SER B 192 -1.95 16.41 -34.50
C SER B 192 -1.98 15.07 -35.24
N LEU B 193 -3.13 14.71 -35.80
CA LEU B 193 -3.26 13.44 -36.50
C LEU B 193 -2.38 13.46 -37.75
N GLY B 194 -1.55 12.44 -37.90
CA GLY B 194 -0.65 12.40 -39.04
C GLY B 194 0.72 13.01 -38.74
N THR B 195 0.81 13.78 -37.66
CA THR B 195 2.07 14.38 -37.24
C THR B 195 2.63 13.67 -36.01
N GLN B 196 1.79 13.51 -34.98
CA GLN B 196 2.20 12.82 -33.75
C GLN B 196 1.86 11.34 -33.84
N THR B 197 2.79 10.47 -33.49
CA THR B 197 2.52 9.04 -33.53
C THR B 197 1.87 8.58 -32.22
N TYR B 198 0.85 7.73 -32.31
CA TYR B 198 0.17 7.22 -31.12
C TYR B 198 0.26 5.72 -31.12
N ILE B 199 0.67 5.15 -30.00
CA ILE B 199 0.82 3.71 -29.87
C ILE B 199 0.29 3.24 -28.54
N CYS B 200 -0.61 2.26 -28.54
CA CYS B 200 -1.10 1.76 -27.28
C CYS B 200 -0.29 0.51 -26.92
N ASN B 201 0.19 0.46 -25.68
CA ASN B 201 0.98 -0.68 -25.22
C ASN B 201 0.08 -1.53 -24.36
N VAL B 202 -0.23 -2.72 -24.84
CA VAL B 202 -1.12 -3.63 -24.12
C VAL B 202 -0.39 -4.80 -23.51
N ASN B 203 -0.72 -5.13 -22.27
CA ASN B 203 -0.08 -6.27 -21.62
C ASN B 203 -1.07 -7.16 -20.92
N HIS B 204 -0.97 -8.46 -21.18
CA HIS B 204 -1.83 -9.45 -20.54
C HIS B 204 -0.90 -10.52 -19.99
N LYS B 205 -0.51 -10.37 -18.74
CA LYS B 205 0.42 -11.31 -18.13
C LYS B 205 0.03 -12.79 -18.13
N PRO B 206 -1.22 -13.12 -17.80
CA PRO B 206 -1.61 -14.54 -17.80
C PRO B 206 -1.32 -15.32 -19.08
N SER B 207 -1.26 -14.63 -20.21
CA SER B 207 -0.99 -15.30 -21.47
C SER B 207 0.34 -14.83 -22.03
N ASN B 208 1.08 -14.07 -21.24
CA ASN B 208 2.37 -13.53 -21.68
C ASN B 208 2.24 -12.72 -22.94
N THR B 209 1.10 -12.05 -23.12
CA THR B 209 0.88 -11.25 -24.31
C THR B 209 1.34 -9.80 -24.12
N LYS B 210 2.14 -9.31 -25.04
CA LYS B 210 2.59 -7.93 -24.99
C LYS B 210 2.49 -7.40 -26.41
N VAL B 211 1.65 -6.39 -26.60
CA VAL B 211 1.45 -5.84 -27.92
C VAL B 211 1.55 -4.32 -27.93
N ASP B 212 2.16 -3.78 -28.96
CA ASP B 212 2.27 -2.34 -29.17
C ASP B 212 1.57 -2.10 -30.49
N LYS B 213 0.45 -1.40 -30.46
CA LYS B 213 -0.29 -1.13 -31.68
C LYS B 213 -0.30 0.35 -32.04
N LYS B 214 0.22 0.68 -33.22
CA LYS B 214 0.24 2.06 -33.69
C LYS B 214 -1.17 2.36 -34.23
N VAL B 215 -1.76 3.48 -33.81
CA VAL B 215 -3.11 3.85 -34.25
C VAL B 215 -3.03 5.05 -35.17
N GLU B 216 -3.41 4.86 -36.44
CA GLU B 216 -3.36 5.93 -37.42
C GLU B 216 -4.74 6.19 -38.01
N PRO B 217 -4.96 7.40 -38.54
CA PRO B 217 -6.29 7.61 -39.10
C PRO B 217 -6.52 6.66 -40.28
N ASN C 5 55.72 6.28 11.44
CA ASN C 5 55.25 4.92 11.05
C ASN C 5 54.18 4.41 12.01
N THR C 6 52.96 4.89 11.83
CA THR C 6 51.84 4.47 12.66
C THR C 6 50.75 4.05 11.68
N VAL C 7 49.75 3.33 12.19
CA VAL C 7 48.67 2.89 11.34
C VAL C 7 47.42 3.68 11.69
N ALA C 8 46.80 4.31 10.69
CA ALA C 8 45.57 5.06 10.94
C ALA C 8 44.49 4.05 11.33
N ALA C 9 43.70 4.39 12.34
CA ALA C 9 42.63 3.51 12.79
C ALA C 9 41.61 3.40 11.65
N TYR C 10 40.94 2.27 11.56
CA TYR C 10 39.94 2.08 10.50
C TYR C 10 38.79 1.23 11.02
N ASN C 11 37.71 1.18 10.24
CA ASN C 11 36.55 0.38 10.63
C ASN C 11 36.00 0.89 11.99
N LEU C 12 35.91 2.21 12.13
CA LEU C 12 35.39 2.81 13.35
C LEU C 12 33.89 2.58 13.35
N THR C 13 33.39 1.94 14.40
CA THR C 13 31.98 1.63 14.48
C THR C 13 31.40 1.93 15.87
N TRP C 14 30.13 2.31 15.91
CA TRP C 14 29.47 2.62 17.17
C TRP C 14 28.69 1.41 17.67
N LYS C 15 28.95 0.98 18.90
CA LYS C 15 28.23 -0.16 19.49
C LYS C 15 27.44 0.43 20.64
N SER C 16 26.12 0.44 20.51
CA SER C 16 25.27 1.04 21.51
C SER C 16 23.95 0.30 21.75
N THR C 17 23.65 0.04 23.02
CA THR C 17 22.41 -0.62 23.42
C THR C 17 21.86 0.10 24.65
N ASN C 18 20.62 0.58 24.55
CA ASN C 18 19.98 1.32 25.64
C ASN C 18 20.88 2.48 26.08
N PHE C 19 21.52 3.13 25.11
CA PHE C 19 22.39 4.28 25.34
C PHE C 19 23.82 4.01 25.83
N LYS C 20 24.09 2.78 26.28
CA LYS C 20 25.42 2.36 26.70
C LYS C 20 26.16 2.44 25.35
N THR C 21 27.07 3.40 25.21
CA THR C 21 27.72 3.63 23.93
C THR C 21 29.25 3.53 23.90
N ILE C 22 29.76 2.68 23.02
CA ILE C 22 31.20 2.46 22.88
C ILE C 22 31.65 2.58 21.43
N LEU C 23 32.75 3.30 21.19
CA LEU C 23 33.28 3.39 19.83
C LEU C 23 34.33 2.30 19.73
N GLU C 24 34.31 1.54 18.63
CA GLU C 24 35.28 0.47 18.42
C GLU C 24 36.05 0.73 17.13
N TRP C 25 37.22 0.13 17.01
CA TRP C 25 38.00 0.30 15.79
C TRP C 25 39.10 -0.74 15.66
N GLU C 26 39.83 -0.66 14.56
CA GLU C 26 40.94 -1.55 14.30
C GLU C 26 42.13 -0.63 13.96
N PRO C 27 43.38 -1.14 14.05
CA PRO C 27 43.79 -2.49 14.45
C PRO C 27 44.32 -2.60 15.87
N LYS C 28 44.60 -3.83 16.29
CA LYS C 28 45.16 -4.07 17.61
C LYS C 28 46.48 -3.34 17.44
N PRO C 29 46.79 -2.40 18.36
CA PRO C 29 48.02 -1.63 18.27
C PRO C 29 49.35 -2.37 18.34
N VAL C 30 50.28 -1.93 17.50
CA VAL C 30 51.62 -2.47 17.43
C VAL C 30 52.55 -1.28 17.54
N ASN C 31 53.18 -1.13 18.72
CA ASN C 31 54.09 -0.01 18.96
C ASN C 31 53.42 1.34 18.71
N GLN C 32 52.17 1.48 19.15
CA GLN C 32 51.43 2.74 19.04
C GLN C 32 50.27 2.78 20.00
N VAL C 33 49.75 3.98 20.24
CA VAL C 33 48.64 4.19 21.15
C VAL C 33 47.58 5.08 20.51
N TYR C 34 46.38 5.07 21.07
CA TYR C 34 45.30 5.89 20.51
C TYR C 34 44.68 6.87 21.47
N THR C 35 44.19 7.97 20.92
CA THR C 35 43.46 8.94 21.73
C THR C 35 42.18 9.15 20.93
N VAL C 36 41.05 9.12 21.60
CA VAL C 36 39.76 9.30 20.95
C VAL C 36 39.14 10.60 21.42
N GLN C 37 38.63 11.40 20.48
CA GLN C 37 37.98 12.65 20.80
C GLN C 37 36.53 12.57 20.32
N ILE C 38 35.67 13.38 20.95
CA ILE C 38 34.25 13.44 20.61
C ILE C 38 33.81 14.92 20.58
N SER C 39 32.81 15.23 19.76
CA SER C 39 32.29 16.59 19.70
C SER C 39 30.88 16.56 19.09
N THR C 40 30.19 17.69 19.18
CA THR C 40 28.84 17.82 18.62
C THR C 40 28.85 18.84 17.50
N LYS C 41 30.01 19.49 17.32
CA LYS C 41 30.19 20.50 16.27
C LYS C 41 31.64 20.49 15.80
N SER C 42 32.08 21.63 15.25
CA SER C 42 33.44 21.77 14.76
C SER C 42 34.24 22.69 15.69
N GLY C 43 34.96 22.09 16.64
CA GLY C 43 35.73 22.85 17.60
C GLY C 43 35.23 22.58 19.00
N ASP C 44 34.42 21.53 19.12
CA ASP C 44 33.85 21.12 20.40
C ASP C 44 34.58 19.85 20.83
N TRP C 45 35.68 19.53 20.15
CA TRP C 45 36.43 18.32 20.45
C TRP C 45 36.94 18.18 21.89
N LYS C 46 36.69 17.01 22.47
CA LYS C 46 37.17 16.71 23.82
C LYS C 46 37.79 15.32 23.79
N SER C 47 39.00 15.17 24.34
CA SER C 47 39.65 13.87 24.35
C SER C 47 39.08 13.11 25.54
N LYS C 48 38.76 11.84 25.36
CA LYS C 48 38.17 11.04 26.44
C LYS C 48 38.99 9.82 26.84
N CYS C 49 39.66 9.20 25.88
CA CYS C 49 40.47 8.03 26.15
C CYS C 49 41.85 8.48 25.68
N PHE C 50 42.78 8.62 26.63
CA PHE C 50 44.13 9.07 26.34
C PHE C 50 45.17 7.98 26.20
N TYR C 51 45.88 8.00 25.07
CA TYR C 51 46.97 7.08 24.79
C TYR C 51 46.74 5.68 25.30
N THR C 52 45.65 5.06 24.84
CA THR C 52 45.32 3.70 25.25
C THR C 52 45.78 2.70 24.19
N THR C 53 45.94 1.44 24.61
CA THR C 53 46.31 0.40 23.66
C THR C 53 45.02 -0.37 23.32
N ASP C 54 43.92 -0.01 24.00
CA ASP C 54 42.61 -0.63 23.75
C ASP C 54 42.13 -0.23 22.36
N THR C 55 41.16 -0.98 21.83
CA THR C 55 40.61 -0.67 20.51
C THR C 55 39.12 -0.32 20.63
N GLU C 56 38.77 0.26 21.78
CA GLU C 56 37.41 0.69 22.06
C GLU C 56 37.49 1.76 23.11
N CYS C 57 36.48 2.63 23.12
CA CYS C 57 36.42 3.71 24.08
C CYS C 57 34.97 3.93 24.46
N ASP C 58 34.65 3.79 25.75
CA ASP C 58 33.29 3.99 26.22
C ASP C 58 33.01 5.49 26.25
N LEU C 59 32.00 5.92 25.50
CA LEU C 59 31.64 7.33 25.42
C LEU C 59 30.27 7.65 25.98
N THR C 60 29.75 6.74 26.80
CA THR C 60 28.43 6.91 27.40
C THR C 60 28.23 8.23 28.16
N ASP C 61 29.13 8.54 29.08
CA ASP C 61 29.01 9.77 29.88
C ASP C 61 28.83 11.00 29.00
N GLU C 62 29.40 10.99 27.80
CA GLU C 62 29.28 12.13 26.91
C GLU C 62 27.97 12.17 26.15
N ILE C 63 27.60 11.05 25.53
CA ILE C 63 26.37 11.05 24.75
C ILE C 63 25.11 11.17 25.59
N VAL C 64 25.11 10.69 26.84
CA VAL C 64 23.89 10.80 27.65
C VAL C 64 23.59 12.23 28.09
N LYS C 65 24.55 13.13 27.93
CA LYS C 65 24.32 14.51 28.31
C LYS C 65 23.19 15.04 27.43
N ASP C 66 23.05 14.48 26.24
CA ASP C 66 21.97 14.86 25.33
C ASP C 66 21.85 13.79 24.25
N VAL C 67 20.95 12.83 24.47
CA VAL C 67 20.77 11.72 23.54
C VAL C 67 20.23 12.05 22.15
N LYS C 68 19.73 13.27 21.94
CA LYS C 68 19.20 13.64 20.63
C LYS C 68 20.16 14.45 19.78
N GLN C 69 21.33 14.74 20.32
CA GLN C 69 22.35 15.48 19.59
C GLN C 69 23.09 14.48 18.67
N THR C 70 23.71 14.99 17.61
CA THR C 70 24.47 14.13 16.71
C THR C 70 25.95 14.29 17.08
N TYR C 71 26.61 13.17 17.36
CA TYR C 71 28.01 13.19 17.75
C TYR C 71 29.00 12.73 16.68
N LEU C 72 30.17 13.36 16.70
CA LEU C 72 31.24 13.00 15.76
C LEU C 72 32.42 12.56 16.62
N ALA C 73 33.16 11.57 16.17
CA ALA C 73 34.33 11.10 16.92
C ALA C 73 35.52 10.98 15.98
N ARG C 74 36.72 11.06 16.54
CA ARG C 74 37.94 10.92 15.75
C ARG C 74 38.92 10.14 16.61
N VAL C 75 39.66 9.24 15.97
CA VAL C 75 40.65 8.42 16.65
C VAL C 75 42.03 8.75 16.09
N PHE C 76 42.92 9.20 16.98
CA PHE C 76 44.31 9.56 16.65
C PHE C 76 45.26 8.40 16.95
N SER C 77 46.25 8.20 16.09
CA SER C 77 47.26 7.15 16.32
C SER C 77 48.61 7.82 16.67
N TYR C 78 49.26 7.38 17.75
CA TYR C 78 50.56 7.92 18.21
C TYR C 78 51.58 6.80 18.45
N PRO C 79 52.88 7.08 18.21
CA PRO C 79 53.91 6.04 18.45
C PRO C 79 54.09 5.79 19.95
N ALA C 80 54.31 4.53 20.32
CA ALA C 80 54.46 4.15 21.72
C ALA C 80 55.74 4.64 22.42
N GLY C 81 55.85 4.25 23.69
CA GLY C 81 57.01 4.61 24.49
C GLY C 81 58.19 3.68 24.25
N ASN C 82 58.65 3.66 23.00
CA ASN C 82 59.78 2.83 22.57
C ASN C 82 60.27 3.29 21.20
N VAL C 83 61.41 3.98 21.21
CA VAL C 83 62.06 4.50 20.00
C VAL C 83 61.34 5.74 19.47
N GLU C 91 53.94 13.81 12.74
CA GLU C 91 52.55 14.22 12.49
C GLU C 91 51.61 13.06 12.84
N PRO C 92 50.71 13.27 13.81
CA PRO C 92 49.80 12.17 14.17
C PRO C 92 48.70 11.92 13.14
N LEU C 93 48.46 10.66 12.85
CA LEU C 93 47.42 10.30 11.90
C LEU C 93 46.11 10.18 12.68
N TYR C 94 44.99 10.47 12.02
CA TYR C 94 43.69 10.34 12.66
C TYR C 94 42.63 10.01 11.62
N GLU C 95 41.47 9.55 12.09
CA GLU C 95 40.38 9.20 11.20
C GLU C 95 39.05 9.52 11.86
N ASN C 96 38.13 10.10 11.10
CA ASN C 96 36.82 10.45 11.63
C ASN C 96 35.87 9.26 11.60
N SER C 97 35.03 9.16 12.63
CA SER C 97 34.07 8.07 12.74
C SER C 97 32.77 8.49 12.04
N PRO C 98 31.80 7.57 11.96
CA PRO C 98 30.52 7.90 11.34
C PRO C 98 29.77 8.79 12.35
N GLU C 99 28.79 9.54 11.89
CA GLU C 99 28.03 10.37 12.84
C GLU C 99 27.18 9.40 13.66
N PHE C 100 26.82 9.79 14.88
CA PHE C 100 25.99 8.95 15.72
C PHE C 100 24.97 9.79 16.50
N THR C 101 23.70 9.47 16.34
CA THR C 101 22.62 10.16 17.02
C THR C 101 21.94 9.11 17.91
N PRO C 102 22.31 9.07 19.20
CA PRO C 102 21.79 8.14 20.22
C PRO C 102 20.30 7.80 20.20
N TYR C 103 19.47 8.83 20.28
CA TYR C 103 18.02 8.62 20.30
C TYR C 103 17.51 7.85 19.08
N LEU C 104 18.06 8.15 17.93
CA LEU C 104 17.65 7.50 16.68
C LEU C 104 18.38 6.19 16.37
N GLU C 105 19.54 5.97 16.98
CA GLU C 105 20.30 4.77 16.66
C GLU C 105 20.66 3.74 17.72
N THR C 106 20.57 4.08 19.00
CA THR C 106 20.91 3.09 20.02
C THR C 106 19.98 1.90 19.89
N ASN C 107 20.51 0.70 20.11
CA ASN C 107 19.71 -0.51 20.01
C ASN C 107 18.85 -0.68 21.24
N LEU C 108 17.67 -1.24 21.03
CA LEU C 108 16.75 -1.50 22.11
C LEU C 108 17.16 -2.85 22.66
N GLY C 109 17.37 -2.92 23.97
CA GLY C 109 17.77 -4.18 24.59
C GLY C 109 16.60 -5.11 24.75
N GLN C 110 16.86 -6.39 25.01
CA GLN C 110 15.80 -7.38 25.17
C GLN C 110 14.89 -7.05 26.34
N PRO C 111 13.58 -6.97 26.10
CA PRO C 111 12.62 -6.67 27.18
C PRO C 111 12.46 -7.87 28.11
N THR C 112 11.83 -7.64 29.25
CA THR C 112 11.57 -8.70 30.22
C THR C 112 10.19 -8.53 30.79
N ILE C 113 9.37 -9.58 30.76
CA ILE C 113 8.03 -9.46 31.33
C ILE C 113 8.17 -9.50 32.85
N GLN C 114 7.64 -8.50 33.52
CA GLN C 114 7.69 -8.42 34.98
C GLN C 114 6.65 -9.31 35.67
N SER C 115 5.45 -9.38 35.10
CA SER C 115 4.38 -10.20 35.68
C SER C 115 3.24 -10.43 34.69
N PHE C 116 2.49 -11.50 34.91
CA PHE C 116 1.37 -11.82 34.03
C PHE C 116 0.24 -12.43 34.84
N GLU C 117 -0.25 -11.64 35.80
CA GLU C 117 -1.31 -12.07 36.69
C GLU C 117 -2.69 -12.17 36.06
N GLN C 118 -3.35 -13.30 36.30
CA GLN C 118 -4.71 -13.50 35.80
C GLN C 118 -5.68 -13.30 36.95
N VAL C 119 -6.56 -12.31 36.79
CA VAL C 119 -7.58 -12.00 37.79
C VAL C 119 -8.91 -12.03 37.06
N GLY C 120 -9.74 -13.03 37.38
CA GLY C 120 -11.02 -13.14 36.70
C GLY C 120 -10.78 -13.63 35.29
N THR C 121 -11.36 -12.95 34.31
CA THR C 121 -11.22 -13.31 32.90
C THR C 121 -10.18 -12.47 32.16
N LYS C 122 -9.27 -11.85 32.91
CA LYS C 122 -8.26 -11.01 32.31
C LYS C 122 -6.86 -11.27 32.86
N VAL C 123 -5.85 -11.09 32.03
CA VAL C 123 -4.47 -11.27 32.44
C VAL C 123 -3.79 -9.93 32.25
N ASN C 124 -3.10 -9.46 33.29
CA ASN C 124 -2.39 -8.21 33.20
C ASN C 124 -0.93 -8.57 32.93
N VAL C 125 -0.42 -8.17 31.77
CA VAL C 125 0.97 -8.43 31.42
C VAL C 125 1.73 -7.12 31.61
N THR C 126 2.65 -7.09 32.56
CA THR C 126 3.45 -5.89 32.84
C THR C 126 4.89 -6.09 32.35
N VAL C 127 5.41 -5.09 31.63
CA VAL C 127 6.78 -5.13 31.11
C VAL C 127 7.67 -4.41 32.13
N GLU C 128 8.81 -4.99 32.47
CA GLU C 128 9.72 -4.33 33.41
C GLU C 128 10.24 -3.06 32.77
N ASP C 129 10.23 -1.95 33.47
CA ASP C 129 10.77 -0.75 32.84
C ASP C 129 12.27 -0.92 33.01
N GLU C 130 13.03 -0.55 31.99
CA GLU C 130 14.49 -0.72 32.07
C GLU C 130 15.21 0.59 32.36
N ARG C 131 16.05 0.58 33.39
CA ARG C 131 16.79 1.79 33.73
C ARG C 131 17.96 1.95 32.76
N THR C 132 18.30 3.19 32.43
CA THR C 132 19.40 3.45 31.53
C THR C 132 20.42 4.27 32.27
N LEU C 133 21.49 4.61 31.58
CA LEU C 133 22.55 5.41 32.16
C LEU C 133 22.25 6.88 31.94
N VAL C 134 21.19 7.16 31.20
CA VAL C 134 20.79 8.54 30.96
C VAL C 134 20.18 9.01 32.26
N ARG C 135 20.66 10.12 32.78
CA ARG C 135 20.11 10.60 34.03
C ARG C 135 19.67 12.03 33.94
N ARG C 136 18.73 12.39 34.80
CA ARG C 136 18.16 13.73 34.84
C ARG C 136 17.74 13.98 36.29
N ASN C 137 17.85 15.22 36.74
CA ASN C 137 17.48 15.60 38.10
C ASN C 137 18.08 14.61 39.12
N ASN C 138 19.35 14.30 38.96
CA ASN C 138 20.04 13.39 39.85
C ASN C 138 19.31 12.05 40.02
N THR C 139 18.94 11.44 38.90
CA THR C 139 18.26 10.16 38.89
C THR C 139 18.36 9.54 37.51
N PHE C 140 18.58 8.23 37.45
CA PHE C 140 18.66 7.56 36.16
C PHE C 140 17.26 7.47 35.56
N LEU C 141 17.20 7.52 34.24
CA LEU C 141 15.93 7.45 33.54
C LEU C 141 15.70 6.07 32.98
N SER C 142 14.43 5.68 32.94
CA SER C 142 14.05 4.41 32.38
C SER C 142 13.94 4.61 30.88
N LEU C 143 13.87 3.50 30.14
CA LEU C 143 13.75 3.55 28.69
C LEU C 143 12.46 4.30 28.36
N ARG C 144 11.41 3.98 29.12
CA ARG C 144 10.11 4.60 28.93
C ARG C 144 10.24 6.10 29.19
N ASP C 145 11.01 6.49 30.20
CA ASP C 145 11.20 7.92 30.50
C ASP C 145 11.78 8.64 29.29
N VAL C 146 12.82 8.04 28.69
CA VAL C 146 13.51 8.65 27.57
C VAL C 146 12.68 8.74 26.28
N PHE C 147 12.05 7.63 25.91
CA PHE C 147 11.28 7.59 24.68
C PHE C 147 9.83 8.07 24.78
N GLY C 148 9.24 7.99 25.96
CA GLY C 148 7.86 8.43 26.06
C GLY C 148 6.97 7.60 25.14
N LYS C 149 6.06 8.25 24.43
CA LYS C 149 5.14 7.55 23.53
C LYS C 149 5.78 7.07 22.23
N ASP C 150 7.05 7.40 22.01
CA ASP C 150 7.76 6.97 20.80
C ASP C 150 8.04 5.48 20.87
N LEU C 151 7.89 4.91 22.05
CA LEU C 151 8.15 3.49 22.28
C LEU C 151 6.87 2.67 22.45
N ILE C 152 6.78 1.60 21.66
CA ILE C 152 5.64 0.72 21.68
C ILE C 152 6.08 -0.69 22.07
N TYR C 153 5.22 -1.42 22.78
CA TYR C 153 5.50 -2.82 23.07
C TYR C 153 4.48 -3.65 22.31
N THR C 154 4.97 -4.66 21.61
CA THR C 154 4.10 -5.60 20.91
C THR C 154 4.06 -6.86 21.79
N LEU C 155 2.85 -7.36 22.05
CA LEU C 155 2.66 -8.58 22.82
C LEU C 155 2.21 -9.70 21.88
N TYR C 156 2.77 -10.89 22.07
CA TYR C 156 2.36 -12.07 21.31
C TYR C 156 1.88 -13.00 22.39
N TYR C 157 0.69 -13.58 22.24
CA TYR C 157 0.22 -14.52 23.24
C TYR C 157 -0.54 -15.64 22.57
N TRP C 158 -0.56 -16.80 23.23
CA TRP C 158 -1.20 -17.98 22.67
C TRP C 158 -1.53 -19.00 23.76
N LYS C 159 -2.48 -19.88 23.47
CA LYS C 159 -2.84 -20.92 24.43
C LYS C 159 -1.77 -21.99 24.32
N SER C 160 -1.19 -22.38 25.45
CA SER C 160 -0.16 -23.41 25.47
C SER C 160 -0.75 -24.67 24.83
N SER C 161 -2.06 -24.79 24.94
CA SER C 161 -2.83 -25.91 24.40
C SER C 161 -3.46 -25.59 23.03
N SER C 162 -2.68 -25.02 22.12
CA SER C 162 -3.14 -24.67 20.78
C SER C 162 -2.00 -24.05 19.98
N SER C 163 -2.24 -23.85 18.69
CA SER C 163 -1.22 -23.29 17.80
C SER C 163 -1.25 -21.78 17.56
N GLY C 164 -2.33 -21.29 16.94
CA GLY C 164 -2.47 -19.88 16.59
C GLY C 164 -2.21 -18.73 17.57
N LYS C 165 -1.21 -17.90 17.27
CA LYS C 165 -0.88 -16.76 18.14
C LYS C 165 -1.79 -15.54 17.94
N LYS C 166 -1.90 -14.70 18.96
CA LYS C 166 -2.68 -13.47 18.91
C LYS C 166 -1.72 -12.32 19.23
N THR C 167 -2.09 -11.07 18.93
CA THR C 167 -1.17 -9.99 19.23
C THR C 167 -1.92 -8.72 19.64
N ALA C 168 -1.20 -7.80 20.29
CA ALA C 168 -1.77 -6.54 20.76
C ALA C 168 -0.60 -5.58 20.98
N LYS C 169 -0.85 -4.28 20.99
CA LYS C 169 0.20 -3.30 21.20
C LYS C 169 -0.20 -2.28 22.26
N THR C 170 0.77 -1.59 22.84
CA THR C 170 0.45 -0.58 23.85
C THR C 170 1.58 0.41 23.85
N ASN C 171 1.29 1.66 24.22
CA ASN C 171 2.36 2.63 24.32
C ASN C 171 2.66 2.91 25.79
N THR C 172 2.25 1.99 26.66
CA THR C 172 2.56 2.10 28.09
C THR C 172 3.34 0.83 28.38
N ASN C 173 3.38 0.41 29.64
CA ASN C 173 4.12 -0.78 29.98
C ASN C 173 3.24 -1.96 30.35
N GLU C 174 1.94 -1.84 30.11
CA GLU C 174 1.09 -2.98 30.43
C GLU C 174 -0.01 -3.29 29.43
N PHE C 175 -0.39 -4.56 29.42
CA PHE C 175 -1.47 -5.05 28.56
C PHE C 175 -2.51 -5.75 29.44
N LEU C 176 -3.79 -5.44 29.23
CA LEU C 176 -4.85 -6.12 29.96
C LEU C 176 -5.61 -6.88 28.88
N ILE C 177 -5.47 -8.19 28.87
CA ILE C 177 -6.11 -9.01 27.84
C ILE C 177 -7.11 -10.06 28.34
N ASP C 178 -8.13 -10.31 27.55
CA ASP C 178 -9.15 -11.30 27.90
C ASP C 178 -8.66 -12.69 27.59
N VAL C 179 -8.92 -13.62 28.49
CA VAL C 179 -8.51 -15.00 28.27
C VAL C 179 -9.67 -15.93 28.60
N ASP C 180 -9.68 -17.09 27.93
CA ASP C 180 -10.72 -18.07 28.19
C ASP C 180 -10.39 -18.74 29.53
N LYS C 181 -11.40 -18.92 30.38
CA LYS C 181 -11.17 -19.52 31.69
C LYS C 181 -10.67 -20.96 31.64
N GLY C 182 -9.81 -21.30 32.61
CA GLY C 182 -9.27 -22.64 32.68
C GLY C 182 -8.25 -22.94 31.60
N GLU C 183 -7.77 -21.88 30.94
CA GLU C 183 -6.79 -22.03 29.87
C GLU C 183 -5.47 -21.35 30.21
N ASN C 184 -4.37 -22.01 29.90
CA ASN C 184 -3.05 -21.45 30.15
C ASN C 184 -2.49 -20.82 28.88
N TYR C 185 -2.03 -19.57 29.01
CA TYR C 185 -1.46 -18.87 27.88
C TYR C 185 0.00 -18.59 28.11
N CYS C 186 0.72 -18.42 27.00
CA CYS C 186 2.13 -18.07 27.03
C CYS C 186 2.21 -16.65 26.45
N PHE C 187 3.21 -15.88 26.88
CA PHE C 187 3.40 -14.49 26.47
C PHE C 187 4.85 -14.14 26.20
N SER C 188 5.08 -13.21 25.26
CA SER C 188 6.43 -12.69 24.98
C SER C 188 6.18 -11.26 24.45
N VAL C 189 7.08 -10.34 24.76
CA VAL C 189 6.92 -8.97 24.29
C VAL C 189 8.13 -8.53 23.51
N GLN C 190 7.94 -7.48 22.71
CA GLN C 190 8.98 -6.95 21.84
C GLN C 190 8.82 -5.46 21.79
N ALA C 191 9.93 -4.72 21.86
CA ALA C 191 9.88 -3.27 21.81
C ALA C 191 10.08 -2.81 20.38
N VAL C 192 9.41 -1.74 20.00
CA VAL C 192 9.57 -1.21 18.66
C VAL C 192 9.42 0.31 18.77
N ILE C 193 10.17 1.04 17.93
CA ILE C 193 10.11 2.51 17.86
C ILE C 193 9.60 2.73 16.44
N PRO C 194 8.29 2.88 16.28
CA PRO C 194 7.71 3.07 14.95
C PRO C 194 8.37 4.14 14.07
N SER C 195 8.81 5.23 14.66
CA SER C 195 9.40 6.31 13.84
C SER C 195 10.77 6.04 13.21
N ARG C 196 11.43 4.98 13.65
CA ARG C 196 12.75 4.66 13.06
C ARG C 196 12.64 3.94 11.73
N THR C 197 13.76 3.90 10.99
CA THR C 197 13.83 3.18 9.72
C THR C 197 14.77 1.97 9.82
N VAL C 198 15.69 2.00 10.78
CA VAL C 198 16.64 0.89 11.04
C VAL C 198 16.82 0.73 12.56
N ASN C 199 17.15 -0.49 13.00
CA ASN C 199 17.28 -0.82 14.42
C ASN C 199 15.94 -0.52 15.11
N ARG C 200 14.86 -0.83 14.40
CA ARG C 200 13.51 -0.56 14.88
C ARG C 200 12.99 -1.40 16.05
N LYS C 201 13.42 -2.66 16.14
CA LYS C 201 12.90 -3.56 17.16
C LYS C 201 13.96 -4.19 18.03
N SER C 202 13.54 -4.63 19.21
CA SER C 202 14.44 -5.33 20.11
C SER C 202 14.22 -6.79 19.77
N THR C 203 14.98 -7.67 20.41
CA THR C 203 14.75 -9.09 20.19
C THR C 203 13.59 -9.41 21.15
N ASP C 204 13.02 -10.60 21.03
CA ASP C 204 11.90 -10.98 21.86
C ASP C 204 12.28 -11.27 23.30
N SER C 205 11.36 -10.98 24.21
CA SER C 205 11.59 -11.25 25.61
C SER C 205 11.48 -12.74 25.80
N PRO C 206 11.98 -13.25 26.94
CA PRO C 206 11.86 -14.70 27.19
C PRO C 206 10.36 -15.00 27.33
N VAL C 207 9.94 -16.16 26.85
CA VAL C 207 8.54 -16.55 26.92
C VAL C 207 8.11 -16.93 28.33
N GLU C 208 6.98 -16.39 28.77
CA GLU C 208 6.44 -16.70 30.09
C GLU C 208 5.11 -17.41 29.89
N CYS C 209 4.88 -18.52 30.60
CA CYS C 209 3.62 -19.26 30.46
C CYS C 209 2.89 -19.48 31.79
N MET C 210 1.57 -19.46 31.74
CA MET C 210 0.77 -19.69 32.93
C MET C 210 0.94 -21.14 33.37
N GLY C 211 1.28 -21.31 34.65
CA GLY C 211 1.46 -22.64 35.23
C GLY C 211 2.66 -23.43 34.74
#